data_6BEQ
#
_entry.id   6BEQ
#
_entity_poly.entity_id   1
_entity_poly.type   'polypeptide(L)'
_entity_poly.pdbx_seq_one_letter_code
;AAR(DVA)(DPR)R(DLE)(DTH)PE
;
_entity_poly.pdbx_strand_id   A
#
# COMPACT_ATOMS: atom_id res chain seq x y z
N ALA A 1 0.67 1.92 0.36
CA ALA A 1 -0.52 2.74 0.29
C ALA A 1 -0.70 3.65 -0.91
N ALA A 2 0.41 4.18 -1.43
CA ALA A 2 0.48 4.88 -2.70
C ALA A 2 0.12 4.11 -3.96
N ARG A 3 -0.10 2.80 -3.91
CA ARG A 3 -0.60 1.97 -4.98
C ARG A 3 -1.68 0.96 -4.59
N DVA A 4 -1.86 0.63 -3.30
CA DVA A 4 -2.86 -0.34 -2.92
CB DVA A 4 -4.02 0.37 -2.23
CG1 DVA A 4 -4.77 1.41 -3.07
CG2 DVA A 4 -5.10 -0.56 -1.70
C DVA A 4 -2.30 -1.46 -2.05
O DVA A 4 -2.08 -1.21 -0.86
H DVA A 4 -1.29 1.05 -2.59
HA DVA A 4 -3.30 -0.84 -3.78
HB DVA A 4 -3.62 0.87 -1.35
HG11 DVA A 4 -5.78 1.72 -2.77
HG12 DVA A 4 -4.84 1.02 -4.08
HG13 DVA A 4 -4.12 2.28 -3.05
HG21 DVA A 4 -4.67 -1.22 -0.95
HG22 DVA A 4 -5.53 -1.15 -2.50
HG23 DVA A 4 -5.86 -0.02 -1.14
N DPR A 5 -2.06 -2.64 -2.62
CA DPR A 5 -1.35 -3.71 -1.95
CB DPR A 5 -1.23 -4.91 -2.88
CG DPR A 5 -2.33 -4.66 -3.91
CD DPR A 5 -2.46 -3.13 -3.92
C DPR A 5 -1.91 -4.10 -0.59
O DPR A 5 -3.12 -4.05 -0.35
HA DPR A 5 -0.37 -3.30 -1.71
HB2 DPR A 5 -1.30 -5.83 -2.31
HB3 DPR A 5 -0.27 -4.87 -3.40
HG2 DPR A 5 -3.24 -5.16 -3.58
HG3 DPR A 5 -2.15 -5.12 -4.88
HD2 DPR A 5 -3.48 -2.84 -4.18
HD3 DPR A 5 -1.86 -2.78 -4.76
N ARG A 6 -1.06 -4.42 0.39
CA ARG A 6 -1.56 -4.86 1.67
C ARG A 6 -1.77 -3.77 2.71
N DLE A 7 -1.60 -2.52 2.26
CA DLE A 7 -1.50 -1.39 3.18
CB DLE A 7 -2.23 -0.18 2.58
CG DLE A 7 -3.66 -0.55 2.20
CD1 DLE A 7 -4.55 -1.46 3.04
CD2 DLE A 7 -4.40 0.76 1.97
C DLE A 7 -0.08 -1.02 3.57
O DLE A 7 0.83 -1.50 2.90
H DLE A 7 -1.50 -2.36 1.27
HA DLE A 7 -2.04 -1.57 4.11
HB2 DLE A 7 -1.73 0.24 1.71
HB3 DLE A 7 -2.14 0.66 3.26
HG DLE A 7 -3.68 -1.04 1.22
HD11 DLE A 7 -4.58 -1.07 4.06
HD12 DLE A 7 -4.23 -2.50 3.00
HD13 DLE A 7 -5.62 -1.41 2.82
HD21 DLE A 7 -5.34 0.58 1.45
HD22 DLE A 7 -3.85 1.51 1.40
HD23 DLE A 7 -4.61 1.16 2.97
N DTH A 8 0.17 -0.35 4.69
CA DTH A 8 1.54 -0.16 5.12
CB DTH A 8 1.47 0.43 6.53
CG2 DTH A 8 2.82 0.84 7.08
OG1 DTH A 8 0.62 1.56 6.57
C DTH A 8 2.44 0.59 4.16
O DTH A 8 1.96 1.61 3.67
H DTH A 8 -0.53 0.03 5.31
HA DTH A 8 1.99 -1.14 5.26
HB DTH A 8 0.98 -0.33 7.12
HG21 DTH A 8 3.45 1.38 6.38
HG22 DTH A 8 3.37 -0.05 7.42
HG23 DTH A 8 2.68 1.36 8.03
HG1 DTH A 8 0.07 1.35 7.32
N PRO A 9 3.53 0.00 3.63
CA PRO A 9 4.29 0.77 2.67
C PRO A 9 3.70 0.81 1.28
N GLU A 10 2.66 0.03 0.97
CA GLU A 10 2.11 0.06 -0.37
C GLU A 10 1.03 1.10 -0.63
N ALA A 1 0.71 1.92 0.27
CA ALA A 1 -0.64 2.45 0.17
C ALA A 1 -0.77 3.52 -0.91
N ALA A 2 0.37 3.99 -1.42
CA ALA A 2 0.35 4.89 -2.55
C ALA A 2 -0.11 4.16 -3.81
N ARG A 3 0.00 2.83 -3.87
CA ARG A 3 -0.49 1.96 -4.93
C ARG A 3 -1.38 0.79 -4.54
N DVA A 4 -2.01 0.71 -3.37
CA DVA A 4 -2.89 -0.37 -2.97
CB DVA A 4 -4.07 0.17 -2.17
CG1 DVA A 4 -4.92 1.15 -2.96
CG2 DVA A 4 -5.01 -0.93 -1.70
C DVA A 4 -2.12 -1.38 -2.13
O DVA A 4 -1.63 -1.03 -1.06
H DVA A 4 -1.93 1.55 -2.81
HA DVA A 4 -3.38 -0.74 -3.88
HB DVA A 4 -3.76 0.77 -1.30
HG11 DVA A 4 -5.25 0.71 -3.89
HG12 DVA A 4 -4.42 2.11 -3.14
HG13 DVA A 4 -5.73 1.50 -2.32
HG21 DVA A 4 -5.95 -0.54 -1.33
HG22 DVA A 4 -4.47 -1.40 -0.86
HG23 DVA A 4 -5.13 -1.60 -2.56
N DPR A 5 -2.08 -2.60 -2.68
CA DPR A 5 -1.44 -3.66 -1.93
CB DPR A 5 -1.39 -4.85 -2.88
CG DPR A 5 -2.71 -4.67 -3.61
CD DPR A 5 -2.76 -3.16 -3.83
C DPR A 5 -2.10 -3.97 -0.58
O DPR A 5 -3.28 -3.82 -0.34
HA DPR A 5 -0.41 -3.37 -1.73
HB2 DPR A 5 -1.42 -5.80 -2.33
HB3 DPR A 5 -0.52 -4.68 -3.51
HG2 DPR A 5 -3.56 -4.99 -3.01
HG3 DPR A 5 -2.64 -5.23 -4.55
HD2 DPR A 5 -3.76 -2.77 -3.96
HD3 DPR A 5 -2.16 -2.85 -4.69
N ARG A 6 -1.30 -4.49 0.34
CA ARG A 6 -1.70 -4.82 1.69
C ARG A 6 -1.90 -3.62 2.60
N DLE A 7 -1.38 -2.44 2.24
CA DLE A 7 -1.37 -1.26 3.07
CB DLE A 7 -2.26 -0.19 2.44
CG DLE A 7 -3.74 -0.46 2.24
CD1 DLE A 7 -4.55 -0.74 3.51
CD2 DLE A 7 -4.28 0.78 1.53
C DLE A 7 0.00 -0.75 3.51
O DLE A 7 1.05 -1.19 3.02
H DLE A 7 -0.85 -2.36 1.38
HA DLE A 7 -1.78 -1.42 4.06
HB2 DLE A 7 -1.84 0.14 1.49
HB3 DLE A 7 -2.26 0.72 3.04
HG DLE A 7 -3.86 -1.31 1.56
HD11 DLE A 7 -4.18 -1.62 4.04
HD12 DLE A 7 -5.53 -1.10 3.23
HD13 DLE A 7 -4.56 0.21 4.05
HD21 DLE A 7 -5.30 0.54 1.22
HD22 DLE A 7 -3.67 1.17 0.71
HD23 DLE A 7 -4.42 1.61 2.22
N DTH A 8 0.03 0.24 4.39
CA DTH A 8 1.29 0.72 4.90
CB DTH A 8 0.97 1.79 5.94
CG2 DTH A 8 0.38 1.27 7.24
OG1 DTH A 8 2.23 2.32 6.30
C DTH A 8 2.25 1.27 3.84
O DTH A 8 1.82 2.10 3.06
H DTH A 8 -0.80 0.73 4.72
HA DTH A 8 1.70 -0.16 5.39
HB DTH A 8 0.31 2.57 5.53
HG21 DTH A 8 0.29 2.10 7.95
HG22 DTH A 8 0.97 0.42 7.60
HG23 DTH A 8 -0.61 0.93 6.98
HG1 DTH A 8 2.35 3.16 5.86
N PRO A 9 3.40 0.61 3.71
CA PRO A 9 4.40 0.84 2.69
C PRO A 9 4.04 0.66 1.22
N GLU A 10 2.78 0.30 0.96
CA GLU A 10 2.23 0.07 -0.36
C GLU A 10 1.13 1.07 -0.67
N ALA A 1 0.58 2.13 0.32
CA ALA A 1 -0.66 2.89 0.32
C ALA A 1 -0.75 3.79 -0.91
N ALA A 2 0.41 4.27 -1.38
CA ALA A 2 0.48 5.00 -2.63
C ALA A 2 0.13 4.19 -3.87
N ARG A 3 0.06 2.86 -3.86
CA ARG A 3 -0.12 1.95 -4.96
C ARG A 3 -1.15 0.85 -4.79
N DVA A 4 -1.40 0.33 -3.57
CA DVA A 4 -2.55 -0.50 -3.26
CB DVA A 4 -3.62 0.29 -2.49
CG1 DVA A 4 -3.98 1.54 -3.28
CG2 DVA A 4 -4.90 -0.47 -2.17
C DVA A 4 -2.17 -1.71 -2.40
O DVA A 4 -1.45 -1.60 -1.42
H DVA A 4 -0.74 0.42 -2.82
HA DVA A 4 -3.09 -0.90 -4.12
HB DVA A 4 -3.15 0.58 -1.55
HG11 DVA A 4 -3.09 2.15 -3.47
HG12 DVA A 4 -4.58 2.23 -2.67
HG13 DVA A 4 -4.50 1.24 -4.18
HG21 DVA A 4 -5.61 0.17 -1.66
HG22 DVA A 4 -4.74 -1.35 -1.57
HG23 DVA A 4 -5.33 -0.69 -3.15
N DPR A 5 -2.67 -2.89 -2.74
CA DPR A 5 -2.21 -4.09 -2.06
CB DPR A 5 -2.67 -5.30 -2.86
CG DPR A 5 -3.16 -4.73 -4.18
CD DPR A 5 -3.57 -3.30 -3.80
C DPR A 5 -2.76 -4.08 -0.63
O DPR A 5 -3.94 -3.85 -0.37
HA DPR A 5 -1.12 -4.07 -2.06
HB2 DPR A 5 -3.50 -5.79 -2.34
HB3 DPR A 5 -1.81 -5.91 -3.11
HG2 DPR A 5 -4.07 -5.19 -4.57
HG3 DPR A 5 -2.39 -4.63 -4.95
HD2 DPR A 5 -4.60 -3.21 -3.46
HD3 DPR A 5 -3.38 -2.66 -4.67
N ARG A 6 -1.88 -4.48 0.28
CA ARG A 6 -2.20 -5.03 1.59
C ARG A 6 -2.06 -4.01 2.71
N DLE A 7 -1.08 -3.11 2.65
CA DLE A 7 -0.95 -1.90 3.44
CB DLE A 7 -1.54 -0.79 2.57
CG DLE A 7 -3.06 -0.74 2.40
CD1 DLE A 7 -3.73 0.03 3.54
CD2 DLE A 7 -3.38 0.01 1.10
C DLE A 7 0.50 -1.55 3.70
O DLE A 7 1.45 -1.79 2.95
H DLE A 7 -0.48 -3.18 1.85
HA DLE A 7 -1.51 -1.99 4.38
HB2 DLE A 7 -1.01 -0.94 1.62
HB3 DLE A 7 -1.23 0.16 2.98
HG DLE A 7 -3.40 -1.76 2.24
HD11 DLE A 7 -3.25 1.01 3.55
HD12 DLE A 7 -3.56 -0.50 4.47
HD13 DLE A 7 -4.81 0.08 3.45
HD21 DLE A 7 -4.46 -0.13 0.95
HD22 DLE A 7 -2.77 -0.50 0.35
HD23 DLE A 7 -3.13 1.05 1.14
N DTH A 8 0.68 -0.74 4.75
CA DTH A 8 1.97 -0.21 5.12
CB DTH A 8 1.81 0.38 6.53
CG2 DTH A 8 1.39 -0.58 7.64
OG1 DTH A 8 3.11 0.75 6.93
C DTH A 8 2.51 0.90 4.21
O DTH A 8 1.73 1.75 3.82
H DTH A 8 -0.11 -0.49 5.33
HA DTH A 8 2.67 -1.04 5.20
HB DTH A 8 1.24 1.30 6.59
HG21 DTH A 8 1.23 -0.07 8.59
HG22 DTH A 8 2.02 -1.45 7.82
HG23 DTH A 8 0.44 -1.01 7.31
HG1 DTH A 8 3.00 1.17 7.78
N PRO A 9 3.73 0.75 3.69
CA PRO A 9 4.23 1.62 2.64
C PRO A 9 3.52 1.44 1.29
N GLU A 10 2.64 0.47 1.07
CA GLU A 10 2.03 0.22 -0.21
C GLU A 10 0.91 1.18 -0.55
N ALA A 1 0.80 1.96 0.15
CA ALA A 1 -0.39 2.77 0.20
C ALA A 1 -0.63 3.74 -0.96
N ALA A 2 0.38 4.22 -1.68
CA ALA A 2 0.23 4.94 -2.92
C ALA A 2 -0.20 4.13 -4.13
N ARG A 3 -0.25 2.80 -3.99
CA ARG A 3 -0.69 1.93 -5.06
C ARG A 3 -1.71 0.84 -4.73
N DVA A 4 -1.94 0.62 -3.44
CA DVA A 4 -2.83 -0.40 -2.92
CB DVA A 4 -3.90 0.27 -2.06
CG1 DVA A 4 -4.88 1.08 -2.90
CG2 DVA A 4 -4.75 -0.75 -1.31
C DVA A 4 -2.07 -1.40 -2.08
O DVA A 4 -1.73 -1.10 -0.94
H DVA A 4 -1.34 1.04 -2.74
HA DVA A 4 -3.24 -0.98 -3.75
HB DVA A 4 -3.40 0.88 -1.29
HG11 DVA A 4 -5.23 0.56 -3.79
HG12 DVA A 4 -4.46 2.07 -3.11
HG13 DVA A 4 -5.80 1.26 -2.31
HG21 DVA A 4 -5.36 -0.26 -0.55
HG22 DVA A 4 -4.11 -1.39 -0.70
HG23 DVA A 4 -5.33 -1.38 -1.98
N DPR A 5 -1.76 -2.59 -2.58
CA DPR A 5 -1.03 -3.61 -1.84
CB DPR A 5 -0.68 -4.65 -2.91
CG DPR A 5 -1.86 -4.65 -3.88
CD DPR A 5 -2.38 -3.22 -3.73
C DPR A 5 -1.90 -4.14 -0.70
O DPR A 5 -3.07 -4.47 -0.85
HA DPR A 5 -0.08 -3.19 -1.48
HB2 DPR A 5 -0.45 -5.62 -2.46
HB3 DPR A 5 0.18 -4.28 -3.45
HG2 DPR A 5 -2.62 -5.38 -3.63
HG3 DPR A 5 -1.47 -4.76 -4.90
HD2 DPR A 5 -3.44 -3.14 -3.54
HD3 DPR A 5 -2.03 -2.79 -4.68
N ARG A 6 -1.24 -4.24 0.46
CA ARG A 6 -1.92 -4.74 1.64
C ARG A 6 -2.05 -3.66 2.70
N DLE A 7 -1.85 -2.38 2.38
CA DLE A 7 -1.54 -1.34 3.36
CB DLE A 7 -2.06 0.00 2.84
CG DLE A 7 -3.54 0.18 2.57
CD1 DLE A 7 -4.36 -0.20 3.82
CD2 DLE A 7 -3.79 1.58 2.03
C DLE A 7 -0.05 -1.33 3.71
O DLE A 7 0.70 -1.98 2.98
H DLE A 7 -1.71 -2.10 1.42
HA DLE A 7 -2.04 -1.54 4.30
HB2 DLE A 7 -1.57 0.17 1.88
HB3 DLE A 7 -1.80 0.77 3.56
HG DLE A 7 -3.88 -0.49 1.80
HD11 DLE A 7 -4.11 0.59 4.53
HD12 DLE A 7 -4.09 -1.21 4.16
HD13 DLE A 7 -5.43 -0.16 3.62
HD21 DLE A 7 -4.84 1.71 1.83
HD22 DLE A 7 -3.18 1.78 1.15
HD23 DLE A 7 -3.54 2.33 2.79
N DTH A 8 0.24 -0.72 4.85
CA DTH A 8 1.63 -0.60 5.25
CB DTH A 8 1.79 -0.01 6.66
CG2 DTH A 8 1.31 -0.88 7.82
OG1 DTH A 8 3.15 0.33 6.88
C DTH A 8 2.34 0.26 4.21
O DTH A 8 1.69 1.24 3.85
H DTH A 8 -0.48 -0.19 5.32
HA DTH A 8 2.05 -1.59 5.30
HB DTH A 8 1.23 0.93 6.71
HG21 DTH A 8 0.23 -1.01 7.86
HG22 DTH A 8 1.53 -0.40 8.77
HG23 DTH A 8 1.84 -1.84 7.84
HG1 DTH A 8 3.65 -0.42 7.17
N PRO A 9 3.47 -0.09 3.59
CA PRO A 9 4.26 0.79 2.75
C PRO A 9 3.78 0.99 1.32
N GLU A 10 2.72 0.29 0.95
CA GLU A 10 2.30 0.21 -0.45
C GLU A 10 1.13 1.12 -0.81
N ALA A 1 0.93 2.51 0.52
CA ALA A 1 0.03 3.62 0.81
C ALA A 1 -0.61 4.28 -0.41
N ALA A 2 0.19 4.59 -1.43
CA ALA A 2 -0.29 5.15 -2.68
C ALA A 2 -0.30 4.11 -3.79
N ARG A 3 -0.22 2.80 -3.56
CA ARG A 3 -0.19 1.75 -4.56
C ARG A 3 -1.30 0.72 -4.50
N DVA A 4 -1.48 0.15 -3.29
CA DVA A 4 -2.49 -0.89 -3.14
CB DVA A 4 -3.71 -0.28 -2.47
CG1 DVA A 4 -4.32 0.85 -3.30
CG2 DVA A 4 -4.81 -1.32 -2.35
C DVA A 4 -1.94 -2.00 -2.26
O DVA A 4 -1.52 -1.62 -1.17
H DVA A 4 -0.83 0.27 -2.54
HA DVA A 4 -2.83 -1.25 -4.11
HB DVA A 4 -3.39 0.15 -1.52
HG11 DVA A 4 -3.63 1.69 -3.20
HG12 DVA A 4 -5.23 1.13 -2.77
HG13 DVA A 4 -4.50 0.50 -4.31
HG21 DVA A 4 -5.60 -0.82 -1.79
HG22 DVA A 4 -4.61 -2.22 -1.75
HG23 DVA A 4 -5.34 -1.60 -3.24
N DPR A 5 -2.01 -3.29 -2.56
CA DPR A 5 -1.39 -4.40 -1.85
CB DPR A 5 -1.42 -5.62 -2.77
CG DPR A 5 -2.62 -5.36 -3.69
CD DPR A 5 -2.56 -3.84 -3.78
C DPR A 5 -2.17 -4.65 -0.55
O DPR A 5 -3.38 -4.87 -0.55
HA DPR A 5 -0.35 -4.18 -1.63
HB2 DPR A 5 -1.63 -6.52 -2.21
HB3 DPR A 5 -0.52 -5.49 -3.36
HG2 DPR A 5 -3.57 -5.58 -3.21
HG3 DPR A 5 -2.45 -5.81 -4.68
HD2 DPR A 5 -3.55 -3.45 -4.01
HD3 DPR A 5 -1.92 -3.66 -4.65
N ARG A 6 -1.48 -4.55 0.59
CA ARG A 6 -2.07 -4.71 1.90
C ARG A 6 -1.83 -3.42 2.68
N DLE A 7 -1.74 -2.26 2.04
CA DLE A 7 -1.58 -0.98 2.70
CB DLE A 7 -1.90 0.18 1.78
CG DLE A 7 -3.39 0.43 1.62
CD1 DLE A 7 -4.14 0.35 2.95
CD2 DLE A 7 -3.68 1.78 0.93
C DLE A 7 -0.12 -1.00 3.13
O DLE A 7 0.72 -1.24 2.26
H DLE A 7 -1.75 -2.18 1.03
HA DLE A 7 -2.10 -0.98 3.66
HB2 DLE A 7 -1.50 -0.02 0.78
HB3 DLE A 7 -1.37 1.05 2.19
HG DLE A 7 -3.80 -0.38 1.02
HD11 DLE A 7 -5.19 0.63 2.81
HD12 DLE A 7 -3.63 1.01 3.65
HD13 DLE A 7 -4.17 -0.68 3.31
HD21 DLE A 7 -4.71 1.98 0.65
HD22 DLE A 7 -3.12 1.81 -0.01
HD23 DLE A 7 -3.25 2.58 1.51
N DTH A 8 0.28 -0.74 4.37
CA DTH A 8 1.66 -0.81 4.77
CB DTH A 8 1.83 -0.33 6.21
CG2 DTH A 8 1.04 -1.12 7.24
OG1 DTH A 8 3.15 -0.28 6.68
C DTH A 8 2.51 0.20 4.00
O DTH A 8 2.08 1.33 3.85
H DTH A 8 -0.36 -0.32 5.04
HA DTH A 8 2.03 -1.83 4.69
HB DTH A 8 1.50 0.70 6.37
HG21 DTH A 8 1.03 -0.63 8.21
HG22 DTH A 8 1.60 -2.05 7.32
HG23 DTH A 8 -0.02 -1.23 7.00
HG1 DTH A 8 3.06 0.02 7.59
N PRO A 9 3.59 -0.18 3.29
CA PRO A 9 4.38 0.76 2.53
C PRO A 9 3.66 1.07 1.23
N GLU A 10 2.68 0.30 0.76
CA GLU A 10 1.95 0.46 -0.47
C GLU A 10 0.88 1.54 -0.39
N ALA A 1 0.42 1.72 0.44
CA ALA A 1 -0.69 2.63 0.25
C ALA A 1 -0.51 3.79 -0.70
N ALA A 2 0.67 3.93 -1.32
CA ALA A 2 0.85 4.63 -2.57
C ALA A 2 0.02 4.09 -3.73
N ARG A 3 -0.23 2.79 -3.79
CA ARG A 3 -0.59 1.98 -4.94
C ARG A 3 -1.65 0.91 -4.71
N DVA A 4 -2.01 0.58 -3.47
CA DVA A 4 -3.08 -0.31 -3.09
CB DVA A 4 -4.19 0.55 -2.50
CG1 DVA A 4 -4.67 1.67 -3.42
CG2 DVA A 4 -5.43 -0.18 -1.98
C DVA A 4 -2.54 -1.31 -2.06
O DVA A 4 -2.38 -0.91 -0.93
H DVA A 4 -1.42 0.95 -2.71
HA DVA A 4 -3.57 -0.70 -3.98
HB DVA A 4 -3.84 1.19 -1.68
HG11 DVA A 4 -5.17 1.16 -4.25
HG12 DVA A 4 -3.88 2.29 -3.84
HG13 DVA A 4 -5.35 2.29 -2.83
HG21 DVA A 4 -5.98 -0.59 -2.83
HG22 DVA A 4 -6.02 0.60 -1.52
HG23 DVA A 4 -5.10 -0.90 -1.24
N DPR A 5 -2.19 -2.51 -2.54
CA DPR A 5 -1.28 -3.31 -1.75
CB DPR A 5 -0.61 -4.30 -2.72
CG DPR A 5 -1.33 -4.14 -4.05
CD DPR A 5 -2.45 -3.12 -3.84
C DPR A 5 -2.07 -4.02 -0.66
O DPR A 5 -3.29 -4.04 -0.60
HA DPR A 5 -0.56 -2.64 -1.26
HB2 DPR A 5 -0.77 -5.32 -2.39
HB3 DPR A 5 0.44 -4.04 -2.80
HG2 DPR A 5 -1.67 -5.11 -4.42
HG3 DPR A 5 -0.66 -3.81 -4.83
HD2 DPR A 5 -3.38 -3.70 -3.79
HD3 DPR A 5 -2.47 -2.33 -4.58
N ARG A 6 -1.36 -4.67 0.28
CA ARG A 6 -1.81 -5.12 1.57
C ARG A 6 -1.90 -4.02 2.62
N DLE A 7 -1.22 -2.90 2.38
CA DLE A 7 -1.21 -1.66 3.15
CB DLE A 7 -1.93 -0.55 2.38
CG DLE A 7 -3.41 -0.72 2.02
CD1 DLE A 7 -4.31 -1.09 3.20
CD2 DLE A 7 -3.96 0.57 1.43
C DLE A 7 0.18 -1.21 3.54
O DLE A 7 1.15 -1.65 2.93
H DLE A 7 -0.67 -2.93 1.53
HA DLE A 7 -1.76 -1.97 4.05
HB2 DLE A 7 -1.37 -0.31 1.48
HB3 DLE A 7 -1.86 0.33 3.01
HG DLE A 7 -3.40 -1.51 1.28
HD11 DLE A 7 -5.34 -1.13 2.86
HD12 DLE A 7 -4.21 -0.32 3.95
HD13 DLE A 7 -4.05 -2.05 3.65
HD21 DLE A 7 -3.29 0.93 0.64
HD22 DLE A 7 -4.07 1.35 2.18
HD23 DLE A 7 -4.93 0.35 1.00
N DTH A 8 0.33 -0.31 4.53
CA DTH A 8 1.63 0.01 5.12
CB DTH A 8 1.50 0.56 6.53
CG2 DTH A 8 1.01 -0.44 7.58
OG1 DTH A 8 2.79 0.96 6.95
C DTH A 8 2.40 0.90 4.16
O DTH A 8 1.89 1.93 3.72
H DTH A 8 -0.48 0.09 4.97
HA DTH A 8 2.13 -0.96 5.26
HB DTH A 8 0.91 1.48 6.51
HG21 DTH A 8 0.03 -0.78 7.21
HG22 DTH A 8 0.93 -0.05 8.59
HG23 DTH A 8 1.66 -1.30 7.58
HG1 DTH A 8 2.61 1.38 7.79
N PRO A 9 3.56 0.47 3.66
CA PRO A 9 4.21 1.17 2.57
C PRO A 9 3.34 1.21 1.32
N GLU A 10 2.63 0.12 0.99
CA GLU A 10 1.98 -0.04 -0.30
C GLU A 10 0.83 0.91 -0.53
N ALA A 1 1.03 2.55 0.30
CA ALA A 1 -0.29 3.14 0.27
C ALA A 1 -0.69 3.85 -1.01
N ALA A 2 0.34 4.24 -1.76
CA ALA A 2 0.15 4.86 -3.05
C ALA A 2 -0.55 4.02 -4.11
N ARG A 3 -0.29 2.71 -4.09
CA ARG A 3 -0.53 1.85 -5.24
C ARG A 3 -1.42 0.69 -4.84
N DVA A 4 -1.78 0.49 -3.57
CA DVA A 4 -2.83 -0.40 -3.11
CB DVA A 4 -3.86 0.34 -2.27
CG1 DVA A 4 -4.55 1.44 -3.08
CG2 DVA A 4 -4.84 -0.63 -1.64
C DVA A 4 -2.26 -1.58 -2.35
O DVA A 4 -1.68 -1.33 -1.28
H DVA A 4 -1.33 0.98 -2.81
HA DVA A 4 -3.31 -0.90 -3.96
HB DVA A 4 -3.41 0.92 -1.44
HG11 DVA A 4 -3.91 2.23 -3.44
HG12 DVA A 4 -5.32 1.82 -2.43
HG13 DVA A 4 -4.93 1.04 -4.03
HG21 DVA A 4 -5.23 -1.34 -2.37
HG22 DVA A 4 -5.59 0.00 -1.17
HG23 DVA A 4 -4.43 -1.08 -0.75
N DPR A 5 -2.34 -2.82 -2.84
CA DPR A 5 -1.81 -3.93 -2.08
CB DPR A 5 -1.78 -5.16 -2.97
CG DPR A 5 -1.65 -4.53 -4.37
CD DPR A 5 -2.46 -3.24 -4.22
C DPR A 5 -2.59 -4.25 -0.80
O DPR A 5 -3.81 -4.15 -0.76
HA DPR A 5 -0.77 -3.68 -1.87
HB2 DPR A 5 -2.72 -5.69 -2.91
HB3 DPR A 5 -0.97 -5.87 -2.79
HG2 DPR A 5 -2.06 -5.15 -5.15
HG3 DPR A 5 -0.59 -4.29 -4.51
HD2 DPR A 5 -3.51 -3.42 -4.41
HD3 DPR A 5 -2.01 -2.46 -4.84
N ARG A 6 -1.81 -4.61 0.22
CA ARG A 6 -2.17 -4.99 1.57
C ARG A 6 -2.24 -3.78 2.49
N DLE A 7 -1.28 -2.86 2.39
CA DLE A 7 -1.14 -1.73 3.30
CB DLE A 7 -1.62 -0.41 2.71
CG DLE A 7 -3.10 -0.27 2.36
CD1 DLE A 7 -4.01 0.05 3.55
CD2 DLE A 7 -3.25 0.84 1.34
C DLE A 7 0.31 -1.58 3.75
O DLE A 7 1.26 -1.91 3.05
H DLE A 7 -0.55 -3.01 1.72
HA DLE A 7 -1.78 -2.00 4.15
HB2 DLE A 7 -1.08 -0.30 1.78
HB3 DLE A 7 -1.47 0.45 3.38
HG DLE A 7 -3.38 -1.25 1.94
HD11 DLE A 7 -3.56 0.90 4.06
HD12 DLE A 7 -4.01 -0.84 4.18
HD13 DLE A 7 -5.03 0.25 3.22
HD21 DLE A 7 -4.29 0.95 1.02
HD22 DLE A 7 -2.68 0.52 0.46
HD23 DLE A 7 -2.87 1.82 1.60
N DTH A 8 0.53 -0.95 4.91
CA DTH A 8 1.87 -0.59 5.34
CB DTH A 8 1.90 0.03 6.73
CG2 DTH A 8 1.53 -0.84 7.93
OG1 DTH A 8 3.24 0.38 7.00
C DTH A 8 2.48 0.46 4.43
O DTH A 8 1.82 1.42 4.07
H DTH A 8 -0.25 -0.49 5.34
HA DTH A 8 2.47 -1.50 5.27
HB DTH A 8 1.28 0.92 6.85
HG21 DTH A 8 2.11 -1.77 7.81
HG22 DTH A 8 0.44 -0.97 7.89
HG23 DTH A 8 1.77 -0.40 8.89
HG1 DTH A 8 3.15 1.07 7.66
N PRO A 9 3.77 0.41 4.06
CA PRO A 9 4.42 1.24 3.08
C PRO A 9 3.76 1.41 1.72
N GLU A 10 2.68 0.74 1.33
CA GLU A 10 2.34 0.51 -0.07
C GLU A 10 1.30 1.52 -0.51
N ALA A 1 0.87 2.27 0.18
CA ALA A 1 -0.36 3.04 0.25
C ALA A 1 -0.61 3.90 -0.98
N ALA A 2 0.45 4.38 -1.65
CA ALA A 2 0.27 5.07 -2.90
C ALA A 2 -0.31 4.24 -4.05
N ARG A 3 -0.31 2.91 -4.01
CA ARG A 3 -0.47 2.02 -5.14
C ARG A 3 -1.39 0.86 -4.82
N DVA A 4 -1.70 0.51 -3.56
CA DVA A 4 -2.66 -0.47 -3.11
CB DVA A 4 -3.79 0.29 -2.38
CG1 DVA A 4 -4.67 1.12 -3.32
CG2 DVA A 4 -4.74 -0.68 -1.71
C DVA A 4 -1.96 -1.48 -2.24
O DVA A 4 -1.63 -1.10 -1.11
H DVA A 4 -1.31 1.07 -2.82
HA DVA A 4 -3.16 -0.95 -3.94
HB DVA A 4 -3.32 1.00 -1.71
HG11 DVA A 4 -4.13 1.85 -3.91
HG12 DVA A 4 -5.29 1.64 -2.59
HG13 DVA A 4 -5.20 0.45 -3.99
HG21 DVA A 4 -4.98 -1.48 -2.43
HG22 DVA A 4 -5.64 -0.20 -1.32
HG23 DVA A 4 -4.24 -1.07 -0.82
N DPR A 5 -1.68 -2.75 -2.58
CA DPR A 5 -1.27 -3.74 -1.61
CB DPR A 5 -0.77 -4.95 -2.40
CG DPR A 5 -1.20 -4.82 -3.85
CD DPR A 5 -1.63 -3.36 -3.89
C DPR A 5 -2.31 -4.12 -0.56
O DPR A 5 -3.50 -3.82 -0.68
HA DPR A 5 -0.42 -3.33 -1.06
HB2 DPR A 5 -1.05 -5.98 -2.17
HB3 DPR A 5 0.32 -4.96 -2.30
HG2 DPR A 5 -2.07 -5.46 -3.99
HG3 DPR A 5 -0.39 -5.08 -4.52
HD2 DPR A 5 -2.65 -3.35 -4.27
HD3 DPR A 5 -0.88 -2.80 -4.46
N ARG A 6 -1.80 -4.81 0.45
CA ARG A 6 -2.46 -5.08 1.70
C ARG A 6 -2.34 -3.88 2.63
N DLE A 7 -1.39 -2.97 2.48
CA DLE A 7 -1.25 -1.83 3.35
CB DLE A 7 -1.71 -0.55 2.66
CG DLE A 7 -3.20 -0.42 2.38
CD1 DLE A 7 -4.03 -0.28 3.66
CD2 DLE A 7 -3.27 0.79 1.46
C DLE A 7 0.21 -1.72 3.77
O DLE A 7 1.10 -2.24 3.10
H DLE A 7 -0.69 -3.20 1.78
HA DLE A 7 -1.90 -1.97 4.22
HB2 DLE A 7 -1.19 -0.50 1.71
HB3 DLE A 7 -1.32 0.31 3.22
HG DLE A 7 -3.62 -1.21 1.73
HD11 DLE A 7 -3.79 0.63 4.21
HD12 DLE A 7 -3.91 -1.18 4.26
HD13 DLE A 7 -5.11 -0.17 3.51
HD21 DLE A 7 -4.32 1.05 1.36
HD22 DLE A 7 -2.82 0.59 0.48
HD23 DLE A 7 -2.78 1.67 1.88
N DTH A 8 0.52 -0.99 4.85
CA DTH A 8 1.87 -0.59 5.16
CB DTH A 8 2.05 -0.05 6.58
CG2 DTH A 8 1.75 -1.02 7.71
OG1 DTH A 8 3.36 0.48 6.71
C DTH A 8 2.45 0.40 4.17
O DTH A 8 1.65 1.25 3.75
H DTH A 8 -0.29 -0.62 5.34
HA DTH A 8 2.49 -1.47 5.01
HB DTH A 8 1.44 0.84 6.73
HG21 DTH A 8 0.79 -1.50 7.53
HG22 DTH A 8 1.71 -0.44 8.63
HG23 DTH A 8 2.63 -1.68 7.72
HG1 DTH A 8 3.47 1.04 7.47
N PRO A 9 3.64 0.26 3.59
CA PRO A 9 4.20 1.28 2.72
C PRO A 9 3.63 1.27 1.32
N GLU A 10 2.75 0.34 0.90
CA GLU A 10 2.15 0.26 -0.42
C GLU A 10 1.12 1.34 -0.74
N ALA A 1 0.44 1.96 0.27
CA ALA A 1 -0.73 2.81 0.20
C ALA A 1 -0.58 3.81 -0.94
N ALA A 2 0.61 4.15 -1.45
CA ALA A 2 0.74 4.83 -2.72
C ALA A 2 0.11 4.16 -3.95
N ARG A 3 -0.08 2.84 -3.91
CA ARG A 3 -0.30 2.01 -5.08
C ARG A 3 -1.32 0.92 -4.88
N DVA A 4 -1.58 0.50 -3.63
CA DVA A 4 -2.71 -0.27 -3.13
CB DVA A 4 -3.75 0.59 -2.43
CG1 DVA A 4 -4.31 1.68 -3.32
CG2 DVA A 4 -4.91 -0.21 -1.79
C DVA A 4 -2.20 -1.47 -2.33
O DVA A 4 -1.78 -1.23 -1.20
H DVA A 4 -0.97 0.82 -2.91
HA DVA A 4 -3.24 -0.72 -3.96
HB DVA A 4 -3.31 1.11 -1.59
HG11 DVA A 4 -5.04 1.23 -4.01
HG12 DVA A 4 -3.49 2.24 -3.76
HG13 DVA A 4 -4.91 2.36 -2.71
HG21 DVA A 4 -5.31 -0.77 -2.64
HG22 DVA A 4 -5.62 0.50 -1.39
HG23 DVA A 4 -4.55 -0.87 -1.00
N DPR A 5 -2.29 -2.73 -2.73
CA DPR A 5 -1.84 -3.83 -1.90
CB DPR A 5 -1.95 -5.09 -2.76
CG DPR A 5 -1.75 -4.55 -4.17
CD DPR A 5 -2.42 -3.17 -4.12
C DPR A 5 -2.43 -3.95 -0.50
O DPR A 5 -3.55 -3.50 -0.26
HA DPR A 5 -0.77 -3.66 -1.84
HB2 DPR A 5 -2.95 -5.53 -2.63
HB3 DPR A 5 -1.24 -5.87 -2.49
HG2 DPR A 5 -2.20 -5.20 -4.92
HG3 DPR A 5 -0.73 -4.34 -4.46
HD2 DPR A 5 -3.44 -3.24 -4.46
HD3 DPR A 5 -1.81 -2.47 -4.69
N ARG A 6 -1.78 -4.71 0.37
CA ARG A 6 -2.15 -5.15 1.70
C ARG A 6 -2.02 -4.08 2.79
N DLE A 7 -1.19 -3.08 2.55
CA DLE A 7 -1.00 -1.91 3.40
CB DLE A 7 -1.69 -0.70 2.79
CG DLE A 7 -3.18 -0.90 2.47
CD1 DLE A 7 -4.13 -0.86 3.67
CD2 DLE A 7 -3.76 0.28 1.71
C DLE A 7 0.46 -1.59 3.69
O DLE A 7 1.32 -1.92 2.87
H DLE A 7 -0.69 -3.08 1.66
HA DLE A 7 -1.56 -2.16 4.30
HB2 DLE A 7 -1.15 -0.41 1.88
HB3 DLE A 7 -1.59 0.06 3.55
HG DLE A 7 -3.25 -1.80 1.86
HD11 DLE A 7 -4.01 0.02 4.28
HD12 DLE A 7 -3.97 -1.74 4.28
HD13 DLE A 7 -5.16 -0.97 3.30
HD21 DLE A 7 -4.72 -0.02 1.31
HD22 DLE A 7 -3.24 0.56 0.79
HD23 DLE A 7 -3.91 1.18 2.34
N DTH A 8 0.65 -0.89 4.80
CA DTH A 8 1.97 -0.42 5.17
CB DTH A 8 1.89 0.11 6.60
CG2 DTH A 8 1.83 -0.91 7.74
OG1 DTH A 8 3.10 0.81 6.82
C DTH A 8 2.37 0.67 4.20
O DTH A 8 1.54 1.54 3.92
H DTH A 8 -0.18 -0.72 5.34
HA DTH A 8 2.63 -1.29 5.19
HB DTH A 8 1.19 0.93 6.80
HG21 DTH A 8 0.85 -1.39 7.67
HG22 DTH A 8 1.93 -0.38 8.70
HG23 DTH A 8 2.63 -1.61 7.59
HG1 DTH A 8 3.02 1.69 6.44
N PRO A 9 3.55 0.73 3.59
CA PRO A 9 4.02 1.71 2.62
C PRO A 9 3.41 1.55 1.25
N GLU A 10 2.66 0.48 1.00
CA GLU A 10 2.01 0.17 -0.26
C GLU A 10 0.95 1.18 -0.69
N ALA A 1 0.71 2.33 0.16
CA ALA A 1 -0.56 3.01 0.09
C ALA A 1 -0.84 3.85 -1.14
N ALA A 2 0.23 4.18 -1.88
CA ALA A 2 0.18 5.01 -3.08
C ALA A 2 -0.19 4.25 -4.34
N ARG A 3 -0.12 2.92 -4.30
CA ARG A 3 -0.51 1.98 -5.32
C ARG A 3 -1.50 0.92 -4.83
N DVA A 4 -1.50 0.66 -3.52
CA DVA A 4 -2.51 -0.23 -2.95
CB DVA A 4 -3.56 0.60 -2.22
CG1 DVA A 4 -4.30 1.63 -3.06
CG2 DVA A 4 -4.59 -0.31 -1.54
C DVA A 4 -1.86 -1.22 -1.98
O DVA A 4 -1.55 -0.87 -0.85
H DVA A 4 -0.97 1.28 -2.93
HA DVA A 4 -3.02 -0.84 -3.68
HB DVA A 4 -3.13 1.18 -1.42
HG11 DVA A 4 -4.85 1.22 -3.90
HG12 DVA A 4 -3.54 2.33 -3.42
HG13 DVA A 4 -4.97 2.17 -2.40
HG21 DVA A 4 -4.24 -0.99 -0.76
HG22 DVA A 4 -5.08 -0.84 -2.36
HG23 DVA A 4 -5.35 0.31 -1.06
N DPR A 5 -1.62 -2.47 -2.38
CA DPR A 5 -1.16 -3.61 -1.62
CB DPR A 5 -0.99 -4.79 -2.57
CG DPR A 5 -0.78 -4.12 -3.92
CD DPR A 5 -1.67 -2.89 -3.78
C DPR A 5 -2.14 -3.90 -0.49
O DPR A 5 -3.30 -3.50 -0.52
HA DPR A 5 -0.19 -3.39 -1.17
HB2 DPR A 5 -1.89 -5.41 -2.62
HB3 DPR A 5 -0.10 -5.36 -2.33
HG2 DPR A 5 -1.07 -4.72 -4.78
HG3 DPR A 5 0.27 -3.86 -4.06
HD2 DPR A 5 -2.68 -3.09 -4.11
HD3 DPR A 5 -1.36 -2.08 -4.43
N ARG A 6 -1.63 -4.64 0.50
CA ARG A 6 -2.40 -5.03 1.66
C ARG A 6 -2.51 -4.00 2.77
N DLE A 7 -1.59 -3.03 2.69
CA DLE A 7 -1.34 -1.98 3.65
CB DLE A 7 -1.98 -0.69 3.12
CG DLE A 7 -3.49 -0.68 2.94
CD1 DLE A 7 -4.33 -0.73 4.23
CD2 DLE A 7 -4.02 0.51 2.17
C DLE A 7 0.14 -1.67 3.85
O DLE A 7 1.00 -2.16 3.11
H DLE A 7 -1.13 -3.04 1.79
HA DLE A 7 -1.79 -2.22 4.60
HB2 DLE A 7 -1.60 -0.40 2.15
HB3 DLE A 7 -1.74 0.17 3.75
HG DLE A 7 -3.69 -1.48 2.23
HD11 DLE A 7 -4.13 -1.66 4.75
HD12 DLE A 7 -5.39 -0.74 4.04
HD13 DLE A 7 -3.94 0.06 4.87
HD21 DLE A 7 -3.48 0.54 1.23
HD22 DLE A 7 -3.89 1.35 2.85
HD23 DLE A 7 -5.06 0.36 1.87
N DTH A 8 0.43 -0.83 4.85
CA DTH A 8 1.81 -0.60 5.17
CB DTH A 8 2.00 -0.15 6.62
CG2 DTH A 8 1.69 -1.13 7.76
OG1 DTH A 8 3.25 0.45 6.82
C DTH A 8 2.48 0.40 4.24
O DTH A 8 1.87 1.44 3.96
H DTH A 8 -0.29 -0.31 5.33
HA DTH A 8 2.31 -1.57 5.17
HB DTH A 8 1.41 0.77 6.77
HG21 DTH A 8 2.02 -0.66 8.67
HG22 DTH A 8 2.21 -2.07 7.58
HG23 DTH A 8 0.62 -1.36 7.79
HG1 DTH A 8 3.37 0.76 7.73
N PRO A 9 3.64 0.12 3.66
CA PRO A 9 4.33 1.00 2.74
C PRO A 9 3.60 1.33 1.45
N GLU A 10 2.72 0.44 1.00
CA GLU A 10 2.16 0.39 -0.33
C GLU A 10 1.13 1.44 -0.74
N ALA A 1 0.69 2.28 0.29
CA ALA A 1 -0.38 3.26 0.33
C ALA A 1 -0.64 4.17 -0.86
N ALA A 2 0.33 4.37 -1.74
CA ALA A 2 0.18 5.09 -3.00
C ALA A 2 -0.17 4.25 -4.22
N ARG A 3 -0.24 2.92 -4.11
CA ARG A 3 -0.59 2.00 -5.17
C ARG A 3 -1.47 0.81 -4.82
N DVA A 4 -1.64 0.35 -3.58
CA DVA A 4 -2.60 -0.59 -3.08
CB DVA A 4 -3.83 0.10 -2.48
CG1 DVA A 4 -4.55 0.95 -3.53
CG2 DVA A 4 -4.82 -0.95 -2.00
C DVA A 4 -1.91 -1.52 -2.09
O DVA A 4 -1.53 -1.07 -1.01
H DVA A 4 -1.13 0.82 -2.82
HA DVA A 4 -3.00 -1.18 -3.91
HB DVA A 4 -3.53 0.64 -1.60
HG11 DVA A 4 -4.61 0.41 -4.49
HG12 DVA A 4 -3.96 1.86 -3.70
HG13 DVA A 4 -5.56 1.20 -3.21
HG21 DVA A 4 -4.40 -1.56 -1.20
HG22 DVA A 4 -5.13 -1.53 -2.88
HG23 DVA A 4 -5.69 -0.38 -1.67
N DPR A 5 -1.80 -2.83 -2.36
CA DPR A 5 -1.13 -3.71 -1.42
CB DPR A 5 -0.40 -4.72 -2.31
CG DPR A 5 -1.49 -4.90 -3.37
CD DPR A 5 -2.11 -3.51 -3.59
C DPR A 5 -2.17 -4.50 -0.62
O DPR A 5 -3.36 -4.49 -0.92
HA DPR A 5 -0.45 -3.25 -0.71
HB2 DPR A 5 -0.14 -5.68 -1.87
HB3 DPR A 5 0.48 -4.27 -2.73
HG2 DPR A 5 -2.24 -5.59 -2.97
HG3 DPR A 5 -1.05 -5.28 -4.28
HD2 DPR A 5 -3.14 -3.54 -3.91
HD3 DPR A 5 -1.61 -3.04 -4.44
N ARG A 6 -1.69 -4.97 0.53
CA ARG A 6 -2.38 -5.08 1.79
C ARG A 6 -2.42 -3.80 2.63
N DLE A 7 -1.57 -2.83 2.29
CA DLE A 7 -1.35 -1.61 3.04
CB DLE A 7 -1.94 -0.35 2.42
CG DLE A 7 -3.46 -0.30 2.32
CD1 DLE A 7 -4.14 -0.29 3.69
CD2 DLE A 7 -3.94 0.87 1.47
C DLE A 7 0.12 -1.41 3.34
O DLE A 7 0.93 -1.67 2.46
H DLE A 7 -1.07 -2.91 1.41
HA DLE A 7 -1.82 -1.76 4.01
HB2 DLE A 7 -1.50 -0.28 1.41
HB3 DLE A 7 -1.73 0.53 3.01
HG DLE A 7 -3.88 -1.14 1.78
HD11 DLE A 7 -3.90 -1.21 4.22
HD12 DLE A 7 -5.21 -0.32 3.45
HD13 DLE A 7 -3.75 0.51 4.31
HD21 DLE A 7 -3.50 0.85 0.47
HD22 DLE A 7 -3.81 1.86 1.85
HD23 DLE A 7 -5.00 0.65 1.37
N DTH A 8 0.48 -0.94 4.55
CA DTH A 8 1.82 -0.82 5.09
CB DTH A 8 1.83 -0.78 6.62
CG2 DTH A 8 1.29 -2.03 7.30
OG1 DTH A 8 3.15 -0.67 7.10
C DTH A 8 2.57 0.23 4.31
O DTH A 8 1.97 1.29 4.19
H DTH A 8 -0.32 -0.61 5.08
HA DTH A 8 2.28 -1.79 4.84
HB DTH A 8 1.21 0.08 6.88
HG21 DTH A 8 0.25 -2.17 7.04
HG22 DTH A 8 1.30 -1.97 8.37
HG23 DTH A 8 1.89 -2.88 6.96
HG1 DTH A 8 3.21 0.05 7.74
N PRO A 9 3.74 0.01 3.67
CA PRO A 9 4.31 0.99 2.78
C PRO A 9 3.83 1.00 1.34
N GLU A 10 2.67 0.43 1.00
CA GLU A 10 2.15 0.42 -0.35
C GLU A 10 0.97 1.34 -0.63
N ALA A 1 0.32 2.53 0.19
CA ALA A 1 -0.91 3.28 0.06
C ALA A 1 -0.96 4.03 -1.25
N ALA A 2 0.19 4.34 -1.86
CA ALA A 2 0.38 4.96 -3.15
C ALA A 2 0.06 4.15 -4.39
N ARG A 3 -0.09 2.85 -4.18
CA ARG A 3 -0.18 1.89 -5.27
C ARG A 3 -1.12 0.74 -4.94
N DVA A 4 -1.33 0.30 -3.70
CA DVA A 4 -2.49 -0.25 -3.03
CB DVA A 4 -3.37 0.86 -2.46
CG1 DVA A 4 -3.73 1.87 -3.55
CG2 DVA A 4 -4.65 0.37 -1.79
C DVA A 4 -2.06 -1.29 -2.00
O DVA A 4 -1.85 -0.98 -0.83
H DVA A 4 -0.69 0.64 -2.99
HA DVA A 4 -3.09 -0.76 -3.78
HB DVA A 4 -2.76 1.41 -1.76
HG11 DVA A 4 -4.46 2.56 -3.15
HG12 DVA A 4 -4.31 1.48 -4.38
HG13 DVA A 4 -2.84 2.47 -3.84
HG21 DVA A 4 -5.26 1.23 -1.53
HG22 DVA A 4 -4.40 -0.13 -0.86
HG23 DVA A 4 -5.23 -0.29 -2.44
N DPR A 5 -1.86 -2.55 -2.38
CA DPR A 5 -1.37 -3.61 -1.53
CB DPR A 5 -0.84 -4.72 -2.45
CG DPR A 5 -1.78 -4.54 -3.63
CD DPR A 5 -2.07 -3.05 -3.73
C DPR A 5 -2.28 -4.22 -0.47
O DPR A 5 -3.48 -4.01 -0.57
HA DPR A 5 -0.54 -3.12 -1.05
HB2 DPR A 5 -0.83 -5.71 -1.96
HB3 DPR A 5 0.21 -4.53 -2.64
HG2 DPR A 5 -2.71 -5.03 -3.34
HG3 DPR A 5 -1.32 -4.92 -4.54
HD2 DPR A 5 -3.04 -2.77 -4.13
HD3 DPR A 5 -1.33 -2.64 -4.40
N ARG A 6 -1.73 -4.91 0.52
CA ARG A 6 -2.39 -5.12 1.80
C ARG A 6 -2.50 -3.80 2.56
N DLE A 7 -1.40 -3.03 2.56
CA DLE A 7 -1.11 -1.94 3.44
CB DLE A 7 -1.50 -0.56 2.90
CG DLE A 7 -2.98 -0.21 2.87
CD1 DLE A 7 -3.63 0.00 4.24
CD2 DLE A 7 -3.12 0.97 1.92
C DLE A 7 0.38 -1.93 3.77
O DLE A 7 1.13 -2.37 2.90
H DLE A 7 -0.70 -3.18 1.86
HA DLE A 7 -1.65 -2.07 4.39
HB2 DLE A 7 -1.07 -0.45 1.90
HB3 DLE A 7 -1.03 0.24 3.48
HG DLE A 7 -3.48 -1.06 2.38
HD11 DLE A 7 -4.63 0.45 4.25
HD12 DLE A 7 -2.95 0.59 4.83
HD13 DLE A 7 -3.61 -1.03 4.62
HD21 DLE A 7 -2.78 0.68 0.93
HD22 DLE A 7 -2.60 1.84 2.29
HD23 DLE A 7 -4.16 1.31 1.92
N DTH A 8 0.79 -1.31 4.87
CA DTH A 8 2.20 -1.08 5.12
CB DTH A 8 2.39 -0.85 6.62
CG2 DTH A 8 2.03 -2.03 7.53
OG1 DTH A 8 3.75 -0.51 6.76
C DTH A 8 2.63 0.12 4.29
O DTH A 8 1.87 1.09 4.30
H DTH A 8 0.13 -0.90 5.53
HA DTH A 8 2.67 -2.01 4.80
HB DTH A 8 1.80 -0.01 6.99
HG21 DTH A 8 2.75 -2.84 7.44
HG22 DTH A 8 1.07 -2.38 7.17
HG23 DTH A 8 1.87 -1.66 8.55
HG1 DTH A 8 3.98 -0.89 7.61
N PRO A 9 3.73 0.17 3.54
CA PRO A 9 4.10 1.31 2.74
C PRO A 9 3.44 1.40 1.37
N GLU A 10 2.42 0.58 1.10
CA GLU A 10 1.78 0.51 -0.20
C GLU A 10 0.68 1.49 -0.57
N ALA A 1 0.40 2.49 0.38
CA ALA A 1 -0.71 3.38 0.13
C ALA A 1 -0.74 4.10 -1.22
N ALA A 2 0.46 4.33 -1.74
CA ALA A 2 0.55 4.92 -3.06
C ALA A 2 -0.06 4.08 -4.18
N ARG A 3 -0.14 2.76 -4.10
CA ARG A 3 -0.39 1.78 -5.14
C ARG A 3 -1.43 0.69 -4.91
N DVA A 4 -1.58 0.39 -3.62
CA DVA A 4 -2.64 -0.35 -2.98
CB DVA A 4 -3.47 0.58 -2.10
CG1 DVA A 4 -4.18 1.65 -2.92
CG2 DVA A 4 -4.53 -0.25 -1.37
C DVA A 4 -1.98 -1.48 -2.21
O DVA A 4 -1.48 -1.21 -1.12
H DVA A 4 -0.88 0.80 -3.01
HA DVA A 4 -3.39 -0.82 -3.64
HB DVA A 4 -2.89 1.01 -1.29
HG11 DVA A 4 -4.61 2.38 -2.24
HG12 DVA A 4 -4.96 1.21 -3.53
HG13 DVA A 4 -3.46 2.10 -3.61
HG21 DVA A 4 -5.06 0.35 -0.64
HG22 DVA A 4 -4.11 -1.03 -0.74
HG23 DVA A 4 -5.28 -0.70 -2.01
N DPR A 5 -2.00 -2.71 -2.75
CA DPR A 5 -1.50 -3.83 -1.99
CB DPR A 5 -1.40 -4.99 -2.98
CG DPR A 5 -1.51 -4.35 -4.37
CD DPR A 5 -2.35 -3.11 -4.09
C DPR A 5 -2.34 -4.12 -0.76
O DPR A 5 -3.56 -4.02 -0.76
HA DPR A 5 -0.48 -3.64 -1.59
HB2 DPR A 5 -2.27 -5.65 -2.90
HB3 DPR A 5 -0.47 -5.54 -2.89
HG2 DPR A 5 -2.03 -4.96 -5.11
HG3 DPR A 5 -0.55 -4.04 -4.79
HD2 DPR A 5 -3.40 -3.38 -4.22
HD3 DPR A 5 -2.01 -2.36 -4.80
N ARG A 6 -1.65 -4.55 0.31
CA ARG A 6 -2.16 -5.03 1.58
C ARG A 6 -2.21 -3.98 2.69
N DLE A 7 -1.62 -2.79 2.59
CA DLE A 7 -1.32 -1.97 3.76
CB DLE A 7 -2.50 -1.03 3.95
CG DLE A 7 -2.83 -0.31 2.66
CD1 DLE A 7 -3.92 0.77 2.79
CD2 DLE A 7 -1.69 0.36 1.90
C DLE A 7 0.09 -1.43 3.78
O DLE A 7 0.82 -1.57 2.78
H DLE A 7 -1.28 -2.38 1.74
HA DLE A 7 -1.40 -2.56 4.67
HB2 DLE A 7 -2.14 -0.29 4.68
HB3 DLE A 7 -3.35 -1.60 4.29
HG DLE A 7 -3.25 -1.06 1.98
HD11 DLE A 7 -4.17 1.04 1.78
HD12 DLE A 7 -3.48 1.61 3.38
HD13 DLE A 7 -4.73 0.35 3.36
HD21 DLE A 7 -1.22 1.15 2.48
HD22 DLE A 7 -2.19 0.71 0.99
HD23 DLE A 7 -1.05 -0.43 1.54
N DTH A 8 0.56 -0.91 4.91
CA DTH A 8 1.98 -0.73 5.16
CB DTH A 8 2.35 -0.52 6.63
CG2 DTH A 8 2.29 -1.79 7.48
OG1 DTH A 8 3.62 0.04 6.83
C DTH A 8 2.51 0.34 4.22
O DTH A 8 1.88 1.37 4.01
H DTH A 8 -0.06 -0.83 5.71
HA DTH A 8 2.49 -1.61 4.77
HB DTH A 8 1.58 0.12 7.06
HG21 DTH A 8 3.18 -2.38 7.27
HG22 DTH A 8 1.45 -2.45 7.23
HG23 DTH A 8 2.17 -1.61 8.54
HG1 DTH A 8 3.58 0.33 7.74
N PRO A 9 3.68 0.25 3.59
CA PRO A 9 4.28 1.25 2.73
C PRO A 9 3.69 1.40 1.33
N GLU A 10 2.52 0.82 1.12
CA GLU A 10 1.91 0.54 -0.16
C GLU A 10 0.76 1.51 -0.46
N ALA A 1 0.88 3.14 0.06
CA ALA A 1 -0.42 3.80 -0.06
C ALA A 1 -0.72 4.47 -1.39
N ALA A 2 0.35 4.59 -2.18
CA ALA A 2 0.31 5.11 -3.52
C ALA A 2 -0.04 4.08 -4.60
N ARG A 3 -0.18 2.84 -4.10
CA ARG A 3 -0.34 1.66 -4.93
C ARG A 3 -1.56 0.86 -4.51
N DVA A 4 -1.69 0.50 -3.24
CA DVA A 4 -2.63 -0.51 -2.77
CB DVA A 4 -3.56 0.18 -1.77
CG1 DVA A 4 -4.28 1.37 -2.40
CG2 DVA A 4 -4.58 -0.76 -1.14
C DVA A 4 -1.93 -1.68 -2.11
O DVA A 4 -1.38 -1.48 -1.03
H DVA A 4 -1.04 0.81 -2.53
HA DVA A 4 -3.25 -0.87 -3.59
HB DVA A 4 -3.00 0.69 -0.98
HG11 DVA A 4 -5.18 1.62 -1.85
HG12 DVA A 4 -4.50 1.16 -3.46
HG13 DVA A 4 -3.68 2.28 -2.33
HG21 DVA A 4 -4.08 -1.43 -0.44
HG22 DVA A 4 -4.97 -1.33 -1.99
HG23 DVA A 4 -5.31 -0.14 -0.62
N DPR A 5 -1.94 -2.93 -2.58
CA DPR A 5 -1.52 -4.11 -1.86
CB DPR A 5 -1.40 -5.14 -2.98
CG DPR A 5 -2.50 -4.74 -3.95
CD DPR A 5 -2.38 -3.22 -3.93
C DPR A 5 -2.46 -4.51 -0.72
O DPR A 5 -3.68 -4.57 -0.93
HA DPR A 5 -0.52 -4.03 -1.44
HB2 DPR A 5 -1.49 -6.15 -2.56
HB3 DPR A 5 -0.42 -5.06 -3.46
HG2 DPR A 5 -3.43 -5.15 -3.58
HG3 DPR A 5 -2.29 -5.14 -4.95
HD2 DPR A 5 -3.38 -2.83 -4.18
HD3 DPR A 5 -1.67 -2.87 -4.69
N ARG A 6 -1.94 -4.78 0.48
CA ARG A 6 -2.78 -5.02 1.62
C ARG A 6 -2.66 -4.01 2.75
N DLE A 7 -1.51 -3.32 2.73
CA DLE A 7 -1.19 -2.29 3.69
CB DLE A 7 -1.97 -1.02 3.37
CG DLE A 7 -1.98 -0.30 2.04
CD1 DLE A 7 -3.14 0.70 2.02
CD2 DLE A 7 -0.71 0.47 1.70
C DLE A 7 0.30 -1.97 3.71
O DLE A 7 1.07 -2.14 2.75
H DLE A 7 -0.90 -3.51 1.96
HA DLE A 7 -1.39 -2.60 4.72
HB2 DLE A 7 -1.68 -0.27 4.09
HB3 DLE A 7 -3.00 -1.25 3.59
HG DLE A 7 -2.30 -0.96 1.23
HD11 DLE A 7 -3.23 1.33 2.91
HD12 DLE A 7 -4.04 0.14 1.82
HD13 DLE A 7 -2.91 1.44 1.27
HD21 DLE A 7 -0.59 1.31 2.39
HD22 DLE A 7 -0.93 0.74 0.67
HD23 DLE A 7 0.19 -0.13 1.71
N DTH A 8 0.77 -1.51 4.87
CA DTH A 8 2.20 -1.34 5.00
CB DTH A 8 2.60 -1.48 6.46
CG2 DTH A 8 2.15 -2.80 7.10
OG1 DTH A 8 4.01 -1.45 6.56
C DTH A 8 2.52 0.06 4.50
O DTH A 8 1.89 1.05 4.86
H DTH A 8 0.13 -1.20 5.60
HA DTH A 8 2.62 -2.22 4.52
HB DTH A 8 2.23 -0.65 7.06
HG21 DTH A 8 1.06 -2.87 7.16
HG22 DTH A 8 2.51 -2.87 8.11
HG23 DTH A 8 2.55 -3.67 6.57
HG1 DTH A 8 4.06 -1.77 7.46
N PRO A 9 3.56 0.21 3.66
CA PRO A 9 4.06 1.45 3.12
C PRO A 9 3.55 1.96 1.77
N GLU A 10 2.60 1.26 1.14
CA GLU A 10 2.31 1.19 -0.28
C GLU A 10 1.14 2.06 -0.67
N ALA A 1 0.34 2.60 0.21
CA ALA A 1 -0.78 3.47 -0.09
C ALA A 1 -0.81 4.33 -1.35
N ALA A 2 0.28 4.42 -2.11
CA ALA A 2 0.20 4.97 -3.44
C ALA A 2 -0.07 3.93 -4.52
N ARG A 3 0.36 2.67 -4.35
CA ARG A 3 0.19 1.51 -5.19
C ARG A 3 -1.12 0.79 -4.86
N DVA A 4 -1.44 0.61 -3.58
CA DVA A 4 -2.60 -0.07 -3.04
CB DVA A 4 -3.42 0.99 -2.29
CG1 DVA A 4 -3.72 2.13 -3.26
CG2 DVA A 4 -4.70 0.48 -1.63
C DVA A 4 -2.24 -1.27 -2.19
O DVA A 4 -1.86 -1.14 -1.03
H DVA A 4 -0.90 1.12 -2.90
HA DVA A 4 -3.17 -0.43 -3.89
HB DVA A 4 -2.86 1.47 -1.49
HG11 DVA A 4 -4.38 2.82 -2.77
HG12 DVA A 4 -4.26 1.63 -4.09
HG13 DVA A 4 -2.80 2.52 -3.68
HG21 DVA A 4 -5.10 1.30 -1.03
HG22 DVA A 4 -4.48 -0.35 -0.95
HG23 DVA A 4 -5.35 0.15 -2.44
N DPR A 5 -2.34 -2.53 -2.64
CA DPR A 5 -1.95 -3.71 -1.91
CB DPR A 5 -1.84 -4.94 -2.81
CG DPR A 5 -2.61 -4.51 -4.05
CD DPR A 5 -2.59 -2.98 -3.99
C DPR A 5 -2.73 -4.04 -0.65
O DPR A 5 -3.96 -4.00 -0.58
HA DPR A 5 -0.93 -3.55 -1.54
HB2 DPR A 5 -2.17 -5.87 -2.35
HB3 DPR A 5 -0.77 -4.94 -3.03
HG2 DPR A 5 -3.61 -4.96 -4.08
HG3 DPR A 5 -2.10 -4.76 -4.98
HD2 DPR A 5 -3.48 -2.53 -4.44
HD3 DPR A 5 -1.70 -2.67 -4.55
N ARG A 6 -1.96 -4.39 0.37
CA ARG A 6 -2.47 -5.00 1.59
C ARG A 6 -2.22 -4.26 2.89
N DLE A 7 -1.48 -3.15 2.92
CA DLE A 7 -0.98 -2.51 4.12
CB DLE A 7 -1.90 -1.34 4.46
CG DLE A 7 -2.27 -0.51 3.24
CD1 DLE A 7 -3.05 0.76 3.61
CD2 DLE A 7 -1.14 0.06 2.39
C DLE A 7 0.49 -2.08 4.03
O DLE A 7 1.12 -2.29 3.01
H DLE A 7 -1.19 -2.77 2.03
HA DLE A 7 -0.99 -3.28 4.89
HB2 DLE A 7 -1.40 -0.73 5.21
HB3 DLE A 7 -2.78 -1.78 4.94
HG DLE A 7 -2.92 -1.11 2.62
HD11 DLE A 7 -2.37 1.52 3.99
HD12 DLE A 7 -3.70 0.43 4.41
HD13 DLE A 7 -3.65 1.16 2.79
HD21 DLE A 7 -0.71 -0.79 1.87
HD22 DLE A 7 -0.42 0.69 2.93
HD23 DLE A 7 -1.54 0.71 1.61
N DTH A 8 1.07 -1.66 5.16
CA DTH A 8 2.45 -1.21 5.17
CB DTH A 8 3.09 -1.33 6.54
CG2 DTH A 8 3.53 -2.74 6.92
OG1 DTH A 8 4.36 -0.70 6.53
C DTH A 8 2.68 0.14 4.52
O DTH A 8 1.90 1.03 4.87
H DTH A 8 0.60 -1.65 6.05
HA DTH A 8 3.02 -1.94 4.59
HB DTH A 8 2.44 -0.92 7.32
HG21 DTH A 8 4.00 -2.74 7.90
HG22 DTH A 8 4.16 -3.15 6.13
HG23 DTH A 8 2.64 -3.37 6.87
HG1 DTH A 8 4.61 -0.40 7.41
N PRO A 9 3.68 0.35 3.65
CA PRO A 9 3.90 1.63 3.03
C PRO A 9 3.21 1.88 1.69
N GLU A 10 2.35 0.98 1.21
CA GLU A 10 2.06 0.87 -0.20
C GLU A 10 0.88 1.73 -0.64
N ALA A 1 0.97 2.74 0.04
CA ALA A 1 -0.22 3.58 0.02
C ALA A 1 -0.25 4.55 -1.13
N ALA A 2 0.50 4.39 -2.21
CA ALA A 2 0.34 5.10 -3.47
C ALA A 2 -0.21 4.15 -4.53
N ARG A 3 -0.17 2.84 -4.29
CA ARG A 3 -0.48 1.75 -5.20
C ARG A 3 -1.60 0.84 -4.74
N DVA A 4 -1.66 0.52 -3.44
CA DVA A 4 -2.66 -0.25 -2.72
CB DVA A 4 -3.50 0.56 -1.73
CG1 DVA A 4 -4.11 1.80 -2.39
CG2 DVA A 4 -4.66 -0.29 -1.23
C DVA A 4 -2.09 -1.44 -1.99
O DVA A 4 -1.62 -1.24 -0.87
H DVA A 4 -0.87 0.76 -2.86
HA DVA A 4 -3.28 -0.60 -3.55
HB DVA A 4 -2.83 0.86 -0.92
HG11 DVA A 4 -4.84 2.33 -1.80
HG12 DVA A 4 -4.48 1.56 -3.38
HG13 DVA A 4 -3.33 2.53 -2.66
HG21 DVA A 4 -5.30 -0.69 -2.02
HG22 DVA A 4 -5.32 0.27 -0.58
HG23 DVA A 4 -4.28 -1.10 -0.59
N DPR A 5 -1.99 -2.65 -2.55
CA DPR A 5 -1.52 -3.84 -1.87
CB DPR A 5 -1.68 -4.97 -2.88
CG DPR A 5 -1.35 -4.29 -4.21
CD DPR A 5 -2.10 -2.99 -3.96
C DPR A 5 -2.38 -4.08 -0.64
O DPR A 5 -3.54 -3.70 -0.49
HA DPR A 5 -0.50 -3.75 -1.48
HB2 DPR A 5 -2.67 -5.45 -2.87
HB3 DPR A 5 -0.91 -5.74 -2.77
HG2 DPR A 5 -1.70 -4.84 -5.07
HG3 DPR A 5 -0.28 -4.07 -4.19
HD2 DPR A 5 -3.15 -3.09 -4.19
HD3 DPR A 5 -1.63 -2.18 -4.52
N ARG A 6 -1.78 -4.77 0.33
CA ARG A 6 -2.33 -5.23 1.60
C ARG A 6 -2.21 -4.29 2.78
N DLE A 7 -1.62 -3.11 2.58
CA DLE A 7 -1.28 -2.15 3.61
CB DLE A 7 -2.22 -0.96 3.67
CG DLE A 7 -2.44 -0.20 2.37
CD1 DLE A 7 -3.76 0.55 2.39
CD2 DLE A 7 -1.36 0.83 2.07
C DLE A 7 0.21 -1.82 3.68
O DLE A 7 0.92 -1.98 2.69
H DLE A 7 -1.22 -3.04 1.66
HA DLE A 7 -1.52 -2.61 4.57
HB2 DLE A 7 -1.82 -0.34 4.49
HB3 DLE A 7 -3.17 -1.48 3.89
HG DLE A 7 -2.47 -0.91 1.53
HD11 DLE A 7 -3.83 1.18 1.52
HD12 DLE A 7 -3.94 1.16 3.26
HD13 DLE A 7 -4.60 -0.15 2.37
HD21 DLE A 7 -0.48 0.24 1.80
HD22 DLE A 7 -1.16 1.55 2.86
HD23 DLE A 7 -1.58 1.29 1.10
N DTH A 8 0.65 -1.37 4.86
CA DTH A 8 2.02 -1.04 5.20
CB DTH A 8 2.32 -1.00 6.68
CG2 DTH A 8 2.33 -2.47 7.10
OG1 DTH A 8 3.50 -0.28 7.02
C DTH A 8 2.45 0.26 4.51
O DTH A 8 1.71 1.25 4.49
H DTH A 8 -0.13 -1.12 5.45
HA DTH A 8 2.59 -1.87 4.80
HB DTH A 8 1.48 -0.50 7.17
HG21 DTH A 8 2.03 -2.54 8.16
HG22 DTH A 8 3.24 -2.97 6.81
HG23 DTH A 8 1.55 -3.06 6.64
HG1 DTH A 8 3.33 0.62 6.76
N PRO A 9 3.57 0.30 3.79
CA PRO A 9 4.01 1.44 3.02
C PRO A 9 3.43 1.60 1.63
N GLU A 10 2.52 0.71 1.20
CA GLU A 10 2.11 0.61 -0.19
C GLU A 10 1.04 1.59 -0.63
N ALA A 1 1.47 2.84 0.00
CA ALA A 1 0.21 3.52 0.28
C ALA A 1 -0.43 4.29 -0.85
N ALA A 2 0.27 4.51 -1.97
CA ALA A 2 -0.23 4.98 -3.25
C ALA A 2 -0.10 3.98 -4.39
N ARG A 3 0.00 2.68 -4.11
CA ARG A 3 -0.20 1.63 -5.10
C ARG A 3 -1.41 0.78 -4.71
N DVA A 4 -1.51 0.32 -3.46
CA DVA A 4 -2.68 -0.33 -2.91
CB DVA A 4 -3.42 0.55 -1.91
CG1 DVA A 4 -3.92 1.86 -2.49
CG2 DVA A 4 -4.64 -0.16 -1.30
C DVA A 4 -2.17 -1.64 -2.32
O DVA A 4 -1.23 -1.43 -1.55
H DVA A 4 -0.80 0.66 -2.83
HA DVA A 4 -3.36 -0.55 -3.74
HB DVA A 4 -2.74 0.82 -1.10
HG11 DVA A 4 -4.73 1.69 -3.20
HG12 DVA A 4 -3.10 2.51 -2.84
HG13 DVA A 4 -4.40 2.47 -1.73
HG21 DVA A 4 -5.37 -0.45 -2.05
HG22 DVA A 4 -5.24 0.49 -0.67
HG23 DVA A 4 -4.29 -1.04 -0.78
N DPR A 5 -2.66 -2.84 -2.64
CA DPR A 5 -2.19 -4.03 -1.98
CB DPR A 5 -2.75 -5.19 -2.79
CG DPR A 5 -4.06 -4.61 -3.33
CD DPR A 5 -3.65 -3.19 -3.64
C DPR A 5 -2.59 -4.11 -0.51
O DPR A 5 -3.68 -3.65 -0.18
HA DPR A 5 -1.09 -4.11 -2.10
HB2 DPR A 5 -2.90 -6.07 -2.17
HB3 DPR A 5 -2.15 -5.55 -3.64
HG2 DPR A 5 -4.85 -4.54 -2.58
HG3 DPR A 5 -4.39 -5.12 -4.23
HD2 DPR A 5 -4.52 -2.53 -3.50
HD3 DPR A 5 -3.26 -2.97 -4.63
N ARG A 6 -1.84 -4.92 0.24
CA ARG A 6 -2.31 -5.23 1.57
C ARG A 6 -2.27 -4.18 2.68
N DLE A 7 -1.64 -3.03 2.45
CA DLE A 7 -1.43 -2.04 3.47
CB DLE A 7 -2.57 -1.05 3.57
CG DLE A 7 -2.82 -0.18 2.35
CD1 DLE A 7 -4.02 0.73 2.59
CD2 DLE A 7 -1.57 0.52 1.81
C DLE A 7 0.02 -1.53 3.55
O DLE A 7 0.68 -1.72 2.53
H DLE A 7 -1.23 -2.84 1.54
HA DLE A 7 -1.48 -2.66 4.37
HB2 DLE A 7 -2.35 -0.30 4.33
HB3 DLE A 7 -3.54 -1.49 3.78
HG DLE A 7 -3.17 -0.88 1.59
HD11 DLE A 7 -4.88 0.14 2.90
HD12 DLE A 7 -4.28 1.26 1.68
HD13 DLE A 7 -3.82 1.47 3.37
HD21 DLE A 7 -1.92 1.34 1.18
HD22 DLE A 7 -1.00 -0.16 1.18
HD23 DLE A 7 -0.97 0.97 2.62
N DTH A 8 0.53 -1.09 4.70
CA DTH A 8 1.93 -0.93 4.96
CB DTH A 8 2.19 -0.97 6.47
CG2 DTH A 8 2.70 -2.31 7.00
OG1 DTH A 8 3.21 -0.11 6.97
C DTH A 8 2.41 0.36 4.30
O DTH A 8 1.63 1.31 4.30
H DTH A 8 -0.22 -0.77 5.29
HA DTH A 8 2.46 -1.81 4.60
HB DTH A 8 1.31 -0.76 7.07
HG21 DTH A 8 2.62 -2.35 8.09
HG22 DTH A 8 3.74 -2.45 6.74
HG23 DTH A 8 2.14 -3.12 6.52
HG1 DTH A 8 2.97 0.01 7.89
N PRO A 9 3.64 0.45 3.80
CA PRO A 9 4.20 1.64 3.19
C PRO A 9 3.76 1.75 1.74
N GLU A 10 2.99 0.82 1.18
CA GLU A 10 2.68 0.77 -0.24
C GLU A 10 1.55 1.69 -0.66
N ALA A 1 0.91 2.75 0.18
CA ALA A 1 -0.38 3.40 0.26
C ALA A 1 -0.73 4.09 -1.05
N ALA A 2 0.21 4.36 -1.97
CA ALA A 2 -0.14 4.79 -3.31
C ALA A 2 0.20 3.79 -4.39
N ARG A 3 0.55 2.56 -4.00
CA ARG A 3 0.38 1.45 -4.90
C ARG A 3 -0.97 0.74 -4.73
N DVA A 4 -1.34 0.42 -3.50
CA DVA A 4 -2.57 -0.17 -3.02
CB DVA A 4 -3.40 0.75 -2.14
CG1 DVA A 4 -3.56 2.10 -2.82
CG2 DVA A 4 -4.78 0.22 -1.78
C DVA A 4 -2.28 -1.49 -2.31
O DVA A 4 -1.41 -1.52 -1.45
H DVA A 4 -0.78 0.72 -2.69
HA DVA A 4 -3.20 -0.32 -3.91
HB DVA A 4 -2.78 1.00 -1.27
HG11 DVA A 4 -4.12 1.84 -3.72
HG12 DVA A 4 -2.62 2.64 -2.97
HG13 DVA A 4 -4.12 2.87 -2.28
HG21 DVA A 4 -5.51 0.26 -2.59
HG22 DVA A 4 -5.17 0.76 -0.91
HG23 DVA A 4 -4.66 -0.78 -1.38
N DPR A 5 -2.93 -2.60 -2.68
CA DPR A 5 -2.62 -3.88 -2.05
CB DPR A 5 -3.36 -4.95 -2.84
CG DPR A 5 -3.63 -4.33 -4.20
CD DPR A 5 -3.80 -2.88 -3.81
C DPR A 5 -3.06 -4.06 -0.60
O DPR A 5 -4.03 -3.53 -0.07
HA DPR A 5 -1.60 -4.15 -2.30
HB2 DPR A 5 -4.30 -5.29 -2.36
HB3 DPR A 5 -2.72 -5.83 -2.92
HG2 DPR A 5 -4.47 -4.76 -4.76
HG3 DPR A 5 -2.69 -4.36 -4.73
HD2 DPR A 5 -4.86 -2.65 -3.60
HD3 DPR A 5 -3.50 -2.25 -4.65
N ARG A 6 -2.16 -4.70 0.16
CA ARG A 6 -2.38 -5.18 1.51
C ARG A 6 -2.40 -4.13 2.59
N DLE A 7 -1.42 -3.21 2.57
CA DLE A 7 -1.04 -2.31 3.64
CB DLE A 7 -1.94 -1.09 3.74
CG DLE A 7 -2.31 -0.33 2.47
CD1 DLE A 7 -3.19 0.92 2.71
CD2 DLE A 7 -1.08 0.17 1.71
C DLE A 7 0.44 -1.98 3.70
O DLE A 7 1.17 -2.11 2.72
H DLE A 7 -0.84 -3.23 1.74
HA DLE A 7 -1.22 -2.80 4.60
HB2 DLE A 7 -1.42 -0.42 4.43
HB3 DLE A 7 -2.78 -1.49 4.30
HG DLE A 7 -2.89 -1.00 1.84
HD11 DLE A 7 -4.10 0.80 3.29
HD12 DLE A 7 -3.27 1.37 1.72
HD13 DLE A 7 -2.60 1.57 3.37
HD21 DLE A 7 -0.53 -0.66 1.27
HD22 DLE A 7 -0.44 0.78 2.34
HD23 DLE A 7 -1.44 0.60 0.78
N DTH A 8 0.95 -1.40 4.80
CA DTH A 8 2.32 -0.95 4.97
CB DTH A 8 2.73 -1.11 6.44
CG2 DTH A 8 2.97 -2.56 6.83
OG1 DTH A 8 3.88 -0.36 6.78
C DTH A 8 2.55 0.43 4.37
O DTH A 8 1.68 1.29 4.43
H DTH A 8 0.36 -1.46 5.60
HA DTH A 8 2.98 -1.59 4.36
HB DTH A 8 1.86 -0.76 6.97
HG21 DTH A 8 3.66 -3.00 6.10
HG22 DTH A 8 2.09 -3.19 6.89
HG23 DTH A 8 3.42 -2.63 7.82
HG1 DTH A 8 3.77 -0.02 7.67
N PRO A 9 3.73 0.66 3.79
CA PRO A 9 4.05 1.92 3.14
C PRO A 9 3.49 2.00 1.72
N GLU A 10 2.83 0.99 1.16
CA GLU A 10 2.41 0.89 -0.22
C GLU A 10 1.14 1.65 -0.55
N ALA A 1 1.21 3.17 0.19
CA ALA A 1 -0.02 3.94 0.19
C ALA A 1 -0.44 4.63 -1.09
N ALA A 2 0.34 4.40 -2.14
CA ALA A 2 -0.05 4.86 -3.47
C ALA A 2 -0.29 3.65 -4.39
N ARG A 3 0.33 2.52 -4.06
CA ARG A 3 0.14 1.26 -4.76
C ARG A 3 -1.19 0.64 -4.36
N DVA A 4 -1.49 0.49 -3.06
CA DVA A 4 -2.67 -0.25 -2.66
CB DVA A 4 -3.39 0.50 -1.55
CG1 DVA A 4 -3.50 2.02 -1.64
CG2 DVA A 4 -4.77 -0.16 -1.47
C DVA A 4 -2.39 -1.67 -2.16
O DVA A 4 -1.67 -1.83 -1.19
H DVA A 4 -0.94 0.79 -2.26
HA DVA A 4 -3.30 -0.28 -3.54
HB DVA A 4 -2.87 0.38 -0.61
HG11 DVA A 4 -2.60 2.53 -1.29
HG12 DVA A 4 -4.25 2.36 -0.92
HG13 DVA A 4 -3.79 2.34 -2.64
HG21 DVA A 4 -5.28 0.30 -0.62
HG22 DVA A 4 -4.74 -1.23 -1.32
HG23 DVA A 4 -5.40 0.13 -2.30
N DPR A 5 -2.91 -2.76 -2.71
CA DPR A 5 -2.75 -4.10 -2.18
CB DPR A 5 -3.74 -5.00 -2.95
CG DPR A 5 -3.83 -4.22 -4.25
CD DPR A 5 -3.59 -2.72 -3.99
C DPR A 5 -2.95 -4.31 -0.69
O DPR A 5 -4.02 -4.05 -0.14
HA DPR A 5 -1.74 -4.40 -2.45
HB2 DPR A 5 -4.76 -5.15 -2.64
HB3 DPR A 5 -3.18 -5.91 -3.13
HG2 DPR A 5 -4.80 -4.30 -4.76
HG3 DPR A 5 -3.13 -4.67 -4.95
HD2 DPR A 5 -4.50 -2.13 -4.03
HD3 DPR A 5 -2.86 -2.41 -4.75
N ARG A 6 -1.88 -4.76 -0.02
CA ARG A 6 -1.90 -5.28 1.32
C ARG A 6 -2.15 -4.18 2.36
N DLE A 7 -1.44 -3.05 2.27
CA DLE A 7 -1.28 -2.21 3.43
CB DLE A 7 -2.33 -1.11 3.59
CG DLE A 7 -2.51 -0.24 2.35
CD1 DLE A 7 -3.69 0.74 2.51
CD2 DLE A 7 -1.34 0.62 1.93
C DLE A 7 0.17 -1.71 3.52
O DLE A 7 0.95 -2.02 2.63
H DLE A 7 -0.93 -2.82 1.42
HA DLE A 7 -1.37 -2.82 4.32
HB2 DLE A 7 -2.09 -0.45 4.42
HB3 DLE A 7 -3.25 -1.59 3.92
HG DLE A 7 -2.78 -1.00 1.62
HD11 DLE A 7 -4.58 0.15 2.67
HD12 DLE A 7 -3.92 1.27 1.59
HD13 DLE A 7 -3.54 1.38 3.37
HD21 DLE A 7 -0.53 0.04 1.50
HD22 DLE A 7 -0.95 1.32 2.68
HD23 DLE A 7 -1.68 1.34 1.18
N DTH A 8 0.62 -1.30 4.71
CA DTH A 8 1.99 -0.96 5.02
CB DTH A 8 2.05 -0.74 6.53
CG2 DTH A 8 1.78 -2.03 7.31
OG1 DTH A 8 3.31 -0.29 6.97
C DTH A 8 2.46 0.34 4.37
O DTH A 8 1.70 1.31 4.30
H DTH A 8 0.00 -1.10 5.47
HA DTH A 8 2.59 -1.80 4.73
HB DTH A 8 1.22 -0.09 6.84
HG21 DTH A 8 0.87 -1.97 7.88
HG22 DTH A 8 2.55 -2.27 8.05
HG23 DTH A 8 1.67 -2.87 6.62
HG1 DTH A 8 3.22 0.05 7.87
N PRO A 9 3.69 0.40 3.83
CA PRO A 9 4.15 1.64 3.23
C PRO A 9 3.65 1.90 1.82
N GLU A 10 2.75 1.07 1.28
CA GLU A 10 2.40 1.04 -0.12
C GLU A 10 1.25 1.99 -0.42
N ALA A 1 1.11 2.88 -0.03
CA ALA A 1 -0.06 3.67 0.28
C ALA A 1 -0.67 4.46 -0.87
N ALA A 2 0.07 4.47 -1.97
CA ALA A 2 -0.20 5.05 -3.27
C ALA A 2 -0.27 4.02 -4.38
N ARG A 3 0.19 2.80 -4.17
CA ARG A 3 0.11 1.76 -5.18
C ARG A 3 -1.08 0.86 -4.87
N DVA A 4 -1.40 0.53 -3.60
CA DVA A 4 -2.53 -0.24 -3.14
CB DVA A 4 -3.29 0.67 -2.19
CG1 DVA A 4 -3.85 1.94 -2.83
CG2 DVA A 4 -4.47 0.12 -1.39
C DVA A 4 -2.02 -1.52 -2.51
O DVA A 4 -0.99 -1.36 -1.86
H DVA A 4 -0.78 0.85 -2.87
HA DVA A 4 -3.12 -0.43 -4.05
HB DVA A 4 -2.58 0.97 -1.42
HG11 DVA A 4 -3.94 2.78 -2.14
HG12 DVA A 4 -4.78 1.70 -3.35
HG13 DVA A 4 -3.14 2.20 -3.60
HG21 DVA A 4 -4.93 0.80 -0.69
HG22 DVA A 4 -4.12 -0.65 -0.71
HG23 DVA A 4 -5.24 -0.24 -2.08
N DPR A 5 -2.69 -2.68 -2.39
CA DPR A 5 -2.22 -3.89 -1.77
CB DPR A 5 -2.89 -4.96 -2.64
CG DPR A 5 -4.27 -4.36 -2.89
CD DPR A 5 -4.03 -2.85 -2.93
C DPR A 5 -2.54 -4.14 -0.30
O DPR A 5 -3.52 -3.62 0.21
HA DPR A 5 -1.15 -3.92 -1.85
HB2 DPR A 5 -2.88 -5.92 -2.12
HB3 DPR A 5 -2.42 -4.95 -3.61
HG2 DPR A 5 -4.90 -4.58 -2.02
HG3 DPR A 5 -4.70 -4.68 -3.84
HD2 DPR A 5 -4.80 -2.40 -2.32
HD3 DPR A 5 -4.01 -2.50 -3.97
N ARG A 6 -1.76 -4.98 0.39
CA ARG A 6 -2.00 -5.44 1.74
C ARG A 6 -1.97 -4.35 2.82
N DLE A 7 -1.54 -3.11 2.63
CA DLE A 7 -1.35 -2.11 3.66
CB DLE A 7 -2.37 -1.00 3.40
CG DLE A 7 -2.53 -0.44 1.99
CD1 DLE A 7 -3.16 0.94 2.08
CD2 DLE A 7 -1.19 -0.29 1.25
C DLE A 7 0.10 -1.66 3.74
O DLE A 7 0.86 -1.88 2.80
H DLE A 7 -1.19 -2.91 1.69
HA DLE A 7 -1.64 -2.56 4.61
HB2 DLE A 7 -2.10 -0.16 4.04
HB3 DLE A 7 -3.37 -1.35 3.66
HG DLE A 7 -3.12 -1.11 1.36
HD11 DLE A 7 -4.11 0.91 2.64
HD12 DLE A 7 -3.38 1.38 1.12
HD13 DLE A 7 -2.53 1.61 2.66
HD21 DLE A 7 -0.63 -1.20 1.11
HD22 DLE A 7 -0.50 0.45 1.64
HD23 DLE A 7 -1.37 -0.01 0.21
N DTH A 8 0.53 -1.11 4.88
CA DTH A 8 1.93 -0.84 5.13
CB DTH A 8 2.15 -0.56 6.61
CG2 DTH A 8 1.97 -1.77 7.51
OG1 DTH A 8 3.50 -0.29 6.94
C DTH A 8 2.44 0.33 4.29
O DTH A 8 1.84 1.39 4.22
H DTH A 8 -0.16 -0.75 5.51
HA DTH A 8 2.51 -1.72 4.87
HB DTH A 8 1.55 0.32 6.90
HG21 DTH A 8 2.74 -2.52 7.34
HG22 DTH A 8 1.08 -2.29 7.14
HG23 DTH A 8 1.95 -1.42 8.53
HG1 DTH A 8 3.47 -0.06 7.86
N PRO A 9 3.66 0.26 3.76
CA PRO A 9 4.14 1.32 2.89
C PRO A 9 3.43 1.52 1.57
N GLU A 10 2.58 0.62 1.06
CA GLU A 10 2.21 0.68 -0.34
C GLU A 10 1.18 1.73 -0.71
#